data_4RTM
#
_entry.id   4RTM
#
_cell.length_a   36.376
_cell.length_b   63.073
_cell.length_c   143.216
_cell.angle_alpha   90.00
_cell.angle_beta   90.00
_cell.angle_gamma   90.00
#
_symmetry.space_group_name_H-M   'P 21 21 21'
#
loop_
_entity.id
_entity.type
_entity.pdbx_description
1 polymer 'DNA adenine methylase'
2 polymer "DNA (5'-D(*TP*CP*TP*AP*AP*AP*GP*AP*TP*CP*G)-3')"
3 polymer "DNA (5'-D(*AP*CP*GP*AP*TP*CP*TP*TP*TP*AP*G)-3')"
4 non-polymer S-ADENOSYLMETHIONINE
5 water water
#
loop_
_entity_poly.entity_id
_entity_poly.type
_entity_poly.pdbx_seq_one_letter_code
_entity_poly.pdbx_strand_id
1 'polypeptide(L)'
;MGSSHHHHHHSSGLVPRGSHMKKNRAFLKWAGGKYPLLDDIKRHLPKGECLVEPFVGAGSVFLNTDFSRYILADINSDLI
SLYNIVKMRTDEYVQAARELFVPETNCAEVYYQFREEFNKSQDPFRRAVLFLYLNRYGYNGLCRYNLRGEFNVPFGRYKK
PYFPEAELYHFAEKAQNAFFYCESYADSMARADDSSVVYCDPPYAPLSATANFTAYHTNSFTLEQQAHLAEIAEGLVERH
IPVLISNHDTMLTREWYQRAKLHVVKVRRSISSNGGTRKKVDELLALYKPGVVSPAKK
;
A
2 'polydeoxyribonucleotide' (DT)(DC)(DT)(DA)(DA)(DA)(DG)(DA)(DT)(DC)(DG) F
3 'polydeoxyribonucleotide' (DA)(DC)(DG)(DA)(DT)(DC)(DT)(DT)(DT)(DA)(DG) G
#
# COMPACT_ATOMS: atom_id res chain seq x y z
N LYS A 23 12.76 -12.74 0.03
CA LYS A 23 11.40 -12.19 -0.01
C LYS A 23 11.06 -11.47 1.29
N ASN A 24 10.98 -10.13 1.19
CA ASN A 24 10.78 -9.29 2.35
C ASN A 24 9.31 -9.00 2.63
N ARG A 25 8.95 -8.95 3.91
CA ARG A 25 7.58 -8.66 4.31
C ARG A 25 7.46 -7.24 4.82
N ALA A 26 6.28 -6.64 4.67
CA ALA A 26 6.03 -5.30 5.20
C ALA A 26 5.78 -5.37 6.69
N PHE A 27 5.90 -4.24 7.37
CA PHE A 27 5.68 -4.20 8.81
C PHE A 27 4.20 -3.95 9.12
N LEU A 28 3.40 -3.73 8.08
CA LEU A 28 1.98 -3.49 8.24
C LEU A 28 1.13 -4.61 7.68
N LYS A 29 0.09 -5.00 8.43
CA LYS A 29 -0.97 -5.81 7.87
C LYS A 29 -1.78 -4.93 6.94
N TRP A 30 -1.99 -5.38 5.71
CA TRP A 30 -2.70 -4.55 4.75
C TRP A 30 -3.32 -5.39 3.64
N ALA A 31 -4.56 -5.07 3.29
CA ALA A 31 -5.24 -5.77 2.21
C ALA A 31 -4.49 -5.52 0.90
N GLY A 32 -4.56 -6.49 0.00
CA GLY A 32 -3.86 -6.38 -1.27
C GLY A 32 -2.38 -6.67 -1.18
N GLY A 33 -1.97 -7.37 -0.12
CA GLY A 33 -0.59 -7.83 -0.01
C GLY A 33 -0.34 -8.86 -1.10
N LYS A 34 0.44 -8.49 -2.11
CA LYS A 34 0.64 -9.35 -3.26
C LYS A 34 1.84 -10.28 -3.11
N TYR A 35 2.09 -10.74 -1.88
CA TYR A 35 3.21 -11.64 -1.60
C TYR A 35 3.19 -12.96 -2.39
N PRO A 36 2.02 -13.63 -2.48
CA PRO A 36 2.03 -14.85 -3.30
C PRO A 36 2.22 -14.58 -4.78
N LEU A 37 1.99 -13.35 -5.21
CA LEU A 37 2.04 -12.99 -6.62
C LEU A 37 3.26 -12.13 -6.95
N LEU A 38 4.12 -11.92 -5.96
CA LEU A 38 5.30 -11.08 -6.14
C LEU A 38 6.20 -11.57 -7.27
N ASP A 39 6.34 -12.88 -7.36
CA ASP A 39 7.18 -13.51 -8.38
C ASP A 39 6.62 -13.27 -9.78
N ASP A 40 5.30 -13.35 -9.90
CA ASP A 40 4.62 -13.15 -11.18
C ASP A 40 4.64 -11.68 -11.59
N ILE A 41 4.62 -10.78 -10.61
CA ILE A 41 4.65 -9.36 -10.89
C ILE A 41 6.02 -8.91 -11.38
N LYS A 42 7.08 -9.35 -10.69
CA LYS A 42 8.45 -8.99 -11.06
C LYS A 42 8.84 -9.59 -12.40
N ARG A 43 8.14 -10.65 -12.80
CA ARG A 43 8.44 -11.33 -14.05
C ARG A 43 7.90 -10.55 -15.25
N HIS A 44 6.85 -9.77 -15.03
CA HIS A 44 6.27 -8.98 -16.10
C HIS A 44 6.58 -7.49 -15.96
N LEU A 45 7.13 -7.10 -14.82
CA LEU A 45 7.43 -5.70 -14.54
C LEU A 45 8.65 -5.24 -15.33
N PRO A 46 8.46 -4.24 -16.21
CA PRO A 46 9.55 -3.72 -17.05
C PRO A 46 10.68 -3.13 -16.23
N LYS A 47 11.88 -3.08 -16.81
CA LYS A 47 13.03 -2.49 -16.14
C LYS A 47 13.03 -0.98 -16.35
N GLY A 48 13.54 -0.26 -15.36
CA GLY A 48 13.57 1.19 -15.41
C GLY A 48 14.35 1.74 -14.23
N GLU A 49 14.51 3.06 -14.20
CA GLU A 49 15.28 3.70 -13.13
C GLU A 49 14.40 4.02 -11.94
N CYS A 50 13.18 4.46 -12.22
CA CYS A 50 12.24 4.84 -11.17
C CYS A 50 10.96 4.04 -11.23
N LEU A 51 10.51 3.54 -10.07
CA LEU A 51 9.24 2.83 -9.98
C LEU A 51 8.19 3.72 -9.35
N VAL A 52 7.01 3.79 -9.99
CA VAL A 52 5.91 4.58 -9.48
C VAL A 52 4.75 3.70 -9.04
N GLU A 53 4.33 3.86 -7.79
CA GLU A 53 3.21 3.08 -7.26
C GLU A 53 2.11 4.00 -6.74
N PRO A 54 1.05 4.18 -7.54
CA PRO A 54 -0.12 4.98 -7.17
C PRO A 54 -0.92 4.37 -6.00
N PHE A 55 -0.81 3.07 -5.82
CA PHE A 55 -1.51 2.37 -4.75
C PHE A 55 -0.53 1.54 -3.93
N VAL A 56 0.39 2.21 -3.24
CA VAL A 56 1.52 1.54 -2.62
C VAL A 56 1.11 0.60 -1.47
N GLY A 57 0.10 0.99 -0.70
CA GLY A 57 -0.36 0.21 0.44
C GLY A 57 0.77 -0.19 1.38
N ALA A 58 0.91 -1.49 1.61
CA ALA A 58 1.96 -2.01 2.46
C ALA A 58 3.32 -1.93 1.78
N GLY A 59 3.31 -1.74 0.47
CA GLY A 59 4.53 -1.59 -0.31
C GLY A 59 5.34 -2.86 -0.46
N SER A 60 4.67 -4.00 -0.64
CA SER A 60 5.36 -5.26 -0.80
C SER A 60 6.17 -5.29 -2.10
N VAL A 61 5.65 -4.65 -3.14
CA VAL A 61 6.37 -4.55 -4.40
C VAL A 61 7.60 -3.65 -4.25
N PHE A 62 7.42 -2.54 -3.54
CA PHE A 62 8.51 -1.62 -3.26
C PHE A 62 9.61 -2.29 -2.44
N LEU A 63 9.21 -3.18 -1.54
CA LEU A 63 10.15 -3.86 -0.66
C LEU A 63 10.83 -5.05 -1.32
N ASN A 64 10.29 -5.49 -2.46
CA ASN A 64 10.85 -6.67 -3.12
C ASN A 64 11.30 -6.41 -4.57
N THR A 65 11.52 -5.15 -4.90
CA THR A 65 12.12 -4.82 -6.19
C THR A 65 13.45 -4.12 -5.96
N ASP A 66 14.10 -3.72 -7.04
CA ASP A 66 15.40 -3.07 -6.93
C ASP A 66 15.58 -1.92 -7.93
N PHE A 67 14.74 -0.91 -7.80
CA PHE A 67 14.89 0.31 -8.60
C PHE A 67 15.78 1.28 -7.83
N SER A 68 16.44 2.18 -8.56
CA SER A 68 17.35 3.15 -7.95
C SER A 68 16.56 4.17 -7.13
N ARG A 69 15.34 4.44 -7.55
CA ARG A 69 14.48 5.37 -6.81
C ARG A 69 13.00 5.02 -6.99
N TYR A 70 12.19 5.43 -6.01
CA TYR A 70 10.77 5.11 -6.03
C TYR A 70 9.89 6.34 -5.82
N ILE A 71 8.76 6.37 -6.50
CA ILE A 71 7.71 7.33 -6.22
C ILE A 71 6.48 6.58 -5.71
N LEU A 72 6.25 6.67 -4.40
CA LEU A 72 5.19 5.89 -3.75
C LEU A 72 4.06 6.79 -3.28
N ALA A 73 2.83 6.43 -3.62
CA ALA A 73 1.68 7.25 -3.28
C ALA A 73 0.48 6.43 -2.83
N ASP A 74 -0.39 7.07 -2.05
CA ASP A 74 -1.61 6.43 -1.57
C ASP A 74 -2.58 7.53 -1.13
N ILE A 75 -3.87 7.25 -1.15
CA ILE A 75 -4.86 8.25 -0.76
C ILE A 75 -5.03 8.29 0.75
N ASN A 76 -4.48 7.27 1.43
CA ASN A 76 -4.52 7.21 2.89
C ASN A 76 -3.47 8.11 3.51
N SER A 77 -3.92 9.21 4.12
CA SER A 77 -3.00 10.19 4.69
C SER A 77 -2.30 9.67 5.94
N ASP A 78 -2.99 8.84 6.73
CA ASP A 78 -2.38 8.25 7.91
C ASP A 78 -1.24 7.34 7.51
N LEU A 79 -1.44 6.63 6.41
CA LEU A 79 -0.45 5.70 5.88
C LEU A 79 0.82 6.41 5.42
N ILE A 80 0.64 7.43 4.59
CA ILE A 80 1.77 8.21 4.06
C ILE A 80 2.52 8.92 5.18
N SER A 81 1.78 9.45 6.15
CA SER A 81 2.38 10.15 7.29
C SER A 81 3.27 9.21 8.10
N LEU A 82 2.81 7.97 8.28
CA LEU A 82 3.59 6.95 8.97
C LEU A 82 4.90 6.65 8.23
N TYR A 83 4.81 6.54 6.90
CA TYR A 83 5.96 6.19 6.08
C TYR A 83 7.06 7.25 6.15
N ASN A 84 6.66 8.52 6.19
CA ASN A 84 7.61 9.62 6.32
C ASN A 84 8.32 9.61 7.66
N ILE A 85 7.58 9.30 8.72
CA ILE A 85 8.13 9.32 10.08
C ILE A 85 9.10 8.17 10.31
N VAL A 86 8.72 6.98 9.84
CA VAL A 86 9.59 5.81 9.90
C VAL A 86 10.87 6.07 9.12
N LYS A 87 10.76 6.79 8.02
CA LYS A 87 11.91 7.13 7.19
C LYS A 87 12.83 8.14 7.87
N MET A 88 12.27 9.28 8.26
CA MET A 88 13.05 10.40 8.78
C MET A 88 13.47 10.22 10.23
N ARG A 89 12.64 9.55 11.02
CA ARG A 89 12.89 9.40 12.46
C ARG A 89 12.81 7.94 12.89
N THR A 90 13.65 7.12 12.27
CA THR A 90 13.59 5.67 12.43
C THR A 90 13.80 5.19 13.87
N ASP A 91 14.99 5.42 14.41
CA ASP A 91 15.34 4.93 15.75
C ASP A 91 14.40 5.44 16.82
N GLU A 92 14.04 6.72 16.73
CA GLU A 92 13.11 7.34 17.67
C GLU A 92 11.75 6.64 17.62
N TYR A 93 11.31 6.30 16.41
CA TYR A 93 10.01 5.67 16.21
C TYR A 93 9.99 4.25 16.73
N VAL A 94 10.99 3.46 16.34
CA VAL A 94 11.07 2.05 16.74
C VAL A 94 11.06 1.90 18.26
N GLN A 95 11.81 2.77 18.94
CA GLN A 95 11.88 2.73 20.39
C GLN A 95 10.54 3.08 21.03
N ALA A 96 9.83 4.02 20.42
CA ALA A 96 8.55 4.48 20.94
C ALA A 96 7.44 3.47 20.66
N ALA A 97 7.41 2.92 19.45
CA ALA A 97 6.36 2.00 19.04
C ALA A 97 6.51 0.65 19.73
N ARG A 98 7.73 0.29 20.08
CA ARG A 98 8.00 -0.99 20.73
C ARG A 98 7.38 -1.04 22.12
N GLU A 99 7.21 0.12 22.73
CA GLU A 99 6.63 0.20 24.06
C GLU A 99 5.17 -0.23 24.10
N LEU A 100 4.50 -0.19 22.94
CA LEU A 100 3.09 -0.56 22.88
C LEU A 100 2.91 -2.05 22.63
N PHE A 101 3.99 -2.74 22.31
CA PHE A 101 3.91 -4.17 22.03
C PHE A 101 4.36 -4.98 23.25
N VAL A 102 3.73 -4.70 24.38
CA VAL A 102 3.96 -5.43 25.62
C VAL A 102 2.68 -6.19 25.99
N PRO A 103 2.79 -7.28 26.77
CA PRO A 103 1.63 -8.10 27.12
C PRO A 103 0.48 -7.32 27.75
N GLU A 104 0.78 -6.19 28.39
CA GLU A 104 -0.22 -5.40 29.08
C GLU A 104 -1.20 -4.73 28.13
N THR A 105 -0.76 -4.49 26.89
CA THR A 105 -1.57 -3.75 25.94
C THR A 105 -2.51 -4.65 25.13
N ASN A 106 -2.35 -5.96 25.27
CA ASN A 106 -3.19 -6.90 24.53
C ASN A 106 -4.51 -7.20 25.25
N CYS A 107 -5.33 -6.18 25.43
CA CYS A 107 -6.67 -6.35 25.97
C CYS A 107 -7.59 -5.24 25.46
N ALA A 108 -8.89 -5.47 25.53
CA ALA A 108 -9.88 -4.58 24.94
C ALA A 108 -9.79 -3.15 25.50
N GLU A 109 -9.85 -3.00 26.81
CA GLU A 109 -9.91 -1.69 27.44
C GLU A 109 -8.74 -0.79 27.04
N VAL A 110 -7.53 -1.36 27.02
CA VAL A 110 -6.34 -0.63 26.60
C VAL A 110 -6.42 -0.26 25.11
N TYR A 111 -6.90 -1.19 24.30
CA TYR A 111 -7.01 -0.98 22.86
C TYR A 111 -7.91 0.20 22.52
N TYR A 112 -9.11 0.23 23.11
CA TYR A 112 -10.09 1.25 22.76
C TYR A 112 -9.70 2.63 23.28
N GLN A 113 -8.82 2.68 24.28
CA GLN A 113 -8.30 3.96 24.76
C GLN A 113 -7.19 4.45 23.83
N PHE A 114 -6.35 3.52 23.38
CA PHE A 114 -5.31 3.84 22.41
C PHE A 114 -5.93 4.25 21.08
N ARG A 115 -7.03 3.61 20.71
CA ARG A 115 -7.76 3.98 19.51
C ARG A 115 -8.35 5.38 19.65
N GLU A 116 -8.81 5.69 20.85
CA GLU A 116 -9.36 7.00 21.15
C GLU A 116 -8.27 8.06 21.20
N GLU A 117 -7.09 7.67 21.66
CA GLU A 117 -5.95 8.58 21.71
C GLU A 117 -5.47 8.91 20.30
N PHE A 118 -5.50 7.92 19.42
CA PHE A 118 -5.13 8.10 18.02
C PHE A 118 -6.04 9.12 17.34
N ASN A 119 -7.34 8.97 17.55
CA ASN A 119 -8.32 9.82 16.90
C ASN A 119 -8.38 11.23 17.45
N LYS A 120 -7.82 11.44 18.65
CA LYS A 120 -7.84 12.75 19.28
C LYS A 120 -6.49 13.44 19.22
N SER A 121 -5.45 12.68 18.87
CA SER A 121 -4.11 13.23 18.78
C SER A 121 -3.96 14.13 17.55
N GLN A 122 -3.19 15.21 17.70
CA GLN A 122 -2.90 16.07 16.57
C GLN A 122 -1.41 16.08 16.30
N ASP A 123 -0.69 15.18 16.96
CA ASP A 123 0.73 15.01 16.74
C ASP A 123 0.97 13.84 15.78
N PRO A 124 1.59 14.12 14.63
CA PRO A 124 1.90 13.11 13.61
C PRO A 124 2.69 11.93 14.15
N PHE A 125 3.68 12.20 15.01
CA PHE A 125 4.54 11.14 15.53
C PHE A 125 3.77 10.18 16.42
N ARG A 126 2.97 10.73 17.33
CA ARG A 126 2.18 9.91 18.25
C ARG A 126 1.13 9.08 17.50
N ARG A 127 0.53 9.69 16.48
CA ARG A 127 -0.47 9.00 15.66
C ARG A 127 0.17 7.86 14.88
N ALA A 128 1.38 8.07 14.38
CA ALA A 128 2.10 7.05 13.63
C ALA A 128 2.49 5.88 14.53
N VAL A 129 2.84 6.19 15.76
CA VAL A 129 3.19 5.16 16.74
C VAL A 129 1.96 4.31 17.08
N LEU A 130 0.85 4.98 17.36
CA LEU A 130 -0.39 4.29 17.68
C LEU A 130 -0.96 3.54 16.48
N PHE A 131 -0.64 4.03 15.27
CA PHE A 131 -1.14 3.43 14.06
C PHE A 131 -0.64 2.00 13.88
N LEU A 132 0.62 1.76 14.24
CA LEU A 132 1.21 0.43 14.12
C LEU A 132 0.57 -0.53 15.13
N TYR A 133 0.33 -0.02 16.33
CA TYR A 133 -0.34 -0.80 17.37
C TYR A 133 -1.74 -1.22 16.92
N LEU A 134 -2.51 -0.25 16.44
CA LEU A 134 -3.86 -0.51 15.97
C LEU A 134 -3.89 -1.49 14.79
N ASN A 135 -2.83 -1.47 13.99
CA ASN A 135 -2.76 -2.36 12.83
C ASN A 135 -2.43 -3.79 13.23
N ARG A 136 -1.72 -3.94 14.34
CA ARG A 136 -1.29 -5.25 14.82
C ARG A 136 -2.21 -5.84 15.88
N TYR A 137 -3.00 -4.99 16.53
CA TYR A 137 -3.90 -5.46 17.58
C TYR A 137 -5.36 -5.37 17.14
N GLY A 138 -5.62 -4.65 16.06
CA GLY A 138 -6.97 -4.46 15.58
C GLY A 138 -7.55 -5.67 14.87
N TYR A 139 -8.87 -5.68 14.74
CA TYR A 139 -9.59 -6.80 14.14
C TYR A 139 -9.18 -7.05 12.69
N ASN A 140 -8.63 -8.24 12.43
CA ASN A 140 -8.20 -8.65 11.09
C ASN A 140 -7.23 -7.71 10.39
N GLY A 141 -6.52 -6.90 11.16
CA GLY A 141 -5.59 -5.94 10.60
C GLY A 141 -6.25 -4.92 9.68
N LEU A 142 -7.54 -4.69 9.90
CA LEU A 142 -8.30 -3.79 9.05
C LEU A 142 -7.93 -2.33 9.26
N CYS A 143 -8.29 -1.50 8.29
CA CYS A 143 -8.17 -0.06 8.41
C CYS A 143 -9.47 0.59 7.96
N ARG A 144 -10.35 0.88 8.92
CA ARG A 144 -11.66 1.40 8.63
C ARG A 144 -11.89 2.74 9.33
N TYR A 145 -12.48 3.69 8.62
CA TYR A 145 -12.83 4.98 9.19
C TYR A 145 -14.32 5.29 9.06
N ASN A 146 -14.79 6.21 9.88
CA ASN A 146 -16.12 6.78 9.67
C ASN A 146 -15.98 8.04 8.83
N LEU A 147 -17.08 8.75 8.60
CA LEU A 147 -17.06 9.93 7.75
C LEU A 147 -16.41 11.12 8.45
N ARG A 148 -15.98 10.92 9.69
CA ARG A 148 -15.30 11.95 10.45
C ARG A 148 -13.80 11.71 10.47
N GLY A 149 -13.37 10.67 9.75
CA GLY A 149 -11.95 10.33 9.67
C GLY A 149 -11.47 9.63 10.93
N GLU A 150 -12.40 9.04 11.67
CA GLU A 150 -12.05 8.36 12.91
C GLU A 150 -11.91 6.85 12.70
N PHE A 151 -10.75 6.34 13.11
CA PHE A 151 -10.47 4.92 13.08
C PHE A 151 -11.41 4.17 14.02
N ASN A 152 -12.19 3.23 13.49
CA ASN A 152 -13.18 2.52 14.30
C ASN A 152 -13.16 0.99 14.12
N VAL A 153 -11.97 0.43 13.99
CA VAL A 153 -11.82 -1.02 13.96
C VAL A 153 -11.78 -1.56 15.38
N PRO A 154 -12.61 -2.58 15.66
CA PRO A 154 -12.67 -3.15 17.01
C PRO A 154 -11.42 -3.94 17.40
N PHE A 155 -11.38 -4.39 18.65
CA PHE A 155 -10.25 -5.18 19.15
C PHE A 155 -10.12 -6.50 18.39
N GLY A 156 -8.88 -6.94 18.19
CA GLY A 156 -8.61 -8.09 17.35
C GLY A 156 -8.53 -9.43 18.07
N ARG A 157 -8.17 -9.41 19.34
CA ARG A 157 -8.07 -10.61 20.15
C ARG A 157 -7.10 -11.65 19.56
N TYR A 158 -5.86 -11.24 19.38
CA TYR A 158 -4.81 -12.16 18.96
C TYR A 158 -4.07 -12.70 20.19
N LYS A 159 -3.42 -13.85 20.03
CA LYS A 159 -2.64 -14.44 21.12
C LYS A 159 -1.49 -13.52 21.51
N LYS A 160 -0.59 -13.26 20.56
CA LYS A 160 0.51 -12.34 20.78
C LYS A 160 0.97 -11.67 19.49
N PRO A 161 0.58 -10.40 19.31
CA PRO A 161 0.95 -9.61 18.13
C PRO A 161 2.46 -9.44 17.99
N TYR A 162 2.95 -9.59 16.76
CA TYR A 162 4.37 -9.51 16.47
C TYR A 162 4.80 -8.07 16.20
N PHE A 163 5.82 -7.61 16.92
CA PHE A 163 6.39 -6.29 16.68
C PHE A 163 7.45 -6.39 15.59
N PRO A 164 7.15 -5.87 14.39
CA PRO A 164 8.00 -6.01 13.21
C PRO A 164 9.19 -5.07 13.22
N GLU A 165 10.11 -5.28 14.16
CA GLU A 165 11.26 -4.40 14.31
C GLU A 165 12.19 -4.48 13.09
N ALA A 166 12.44 -5.70 12.63
CA ALA A 166 13.33 -5.91 11.50
C ALA A 166 12.76 -5.31 10.22
N GLU A 167 11.46 -5.53 10.02
CA GLU A 167 10.76 -4.99 8.84
C GLU A 167 10.78 -3.46 8.85
N LEU A 168 10.69 -2.87 10.03
CA LEU A 168 10.72 -1.43 10.18
C LEU A 168 12.06 -0.85 9.70
N TYR A 169 13.16 -1.42 10.17
CA TYR A 169 14.48 -0.92 9.82
C TYR A 169 14.79 -1.14 8.34
N HIS A 170 14.31 -2.27 7.80
CA HIS A 170 14.53 -2.56 6.39
C HIS A 170 13.72 -1.61 5.52
N PHE A 171 12.54 -1.25 5.98
CA PHE A 171 11.70 -0.30 5.26
C PHE A 171 12.39 1.06 5.21
N ALA A 172 12.90 1.50 6.36
CA ALA A 172 13.53 2.81 6.48
C ALA A 172 14.74 2.94 5.56
N GLU A 173 15.50 1.85 5.42
CA GLU A 173 16.70 1.86 4.58
C GLU A 173 16.34 1.96 3.11
N LYS A 174 15.38 1.17 2.66
CA LYS A 174 14.94 1.23 1.27
C LYS A 174 14.19 2.53 0.98
N ALA A 175 13.63 3.14 2.02
CA ALA A 175 12.82 4.36 1.86
C ALA A 175 13.71 5.57 1.59
N GLN A 176 15.02 5.40 1.79
CA GLN A 176 15.98 6.47 1.53
C GLN A 176 16.01 6.86 0.06
N ASN A 177 15.51 5.97 -0.80
CA ASN A 177 15.45 6.24 -2.22
C ASN A 177 14.01 6.39 -2.71
N ALA A 178 13.11 6.72 -1.80
CA ALA A 178 11.71 6.83 -2.16
C ALA A 178 11.09 8.14 -1.67
N PHE A 179 10.13 8.63 -2.44
CA PHE A 179 9.34 9.79 -2.05
C PHE A 179 7.89 9.37 -1.83
N PHE A 180 7.32 9.79 -0.70
CA PHE A 180 5.95 9.42 -0.35
C PHE A 180 4.99 10.60 -0.53
N TYR A 181 3.95 10.38 -1.32
CA TYR A 181 2.96 11.42 -1.56
C TYR A 181 1.55 10.92 -1.21
N CYS A 182 0.76 11.80 -0.60
CA CYS A 182 -0.64 11.47 -0.33
C CYS A 182 -1.52 12.12 -1.39
N GLU A 183 -1.88 11.36 -2.42
CA GLU A 183 -2.65 11.88 -3.54
C GLU A 183 -3.32 10.76 -4.32
N SER A 184 -4.32 11.13 -5.12
CA SER A 184 -5.04 10.17 -5.94
C SER A 184 -4.14 9.64 -7.04
N TYR A 185 -4.54 8.53 -7.65
CA TYR A 185 -3.72 7.85 -8.65
C TYR A 185 -3.42 8.73 -9.87
N ALA A 186 -4.38 9.58 -10.23
CA ALA A 186 -4.22 10.44 -11.41
C ALA A 186 -3.05 11.41 -11.27
N ASP A 187 -2.85 11.92 -10.05
CA ASP A 187 -1.79 12.87 -9.77
C ASP A 187 -0.43 12.18 -9.65
N SER A 188 -0.42 10.99 -9.04
CA SER A 188 0.81 10.25 -8.84
C SER A 188 1.35 9.70 -10.16
N MET A 189 0.45 9.28 -11.04
CA MET A 189 0.86 8.75 -12.34
C MET A 189 1.34 9.88 -13.24
N ALA A 190 0.92 11.10 -12.91
CA ALA A 190 1.34 12.28 -13.64
C ALA A 190 2.77 12.66 -13.31
N ARG A 191 3.35 12.01 -12.29
CA ARG A 191 4.73 12.27 -11.91
C ARG A 191 5.72 11.42 -12.70
N ALA A 192 5.20 10.39 -13.37
CA ALA A 192 6.07 9.46 -14.10
C ALA A 192 6.67 10.09 -15.36
N ASP A 193 7.96 9.86 -15.57
CA ASP A 193 8.65 10.41 -16.73
C ASP A 193 9.14 9.31 -17.66
N ASP A 194 10.17 9.60 -18.46
CA ASP A 194 10.66 8.66 -19.46
C ASP A 194 11.39 7.46 -18.85
N SER A 195 12.00 7.68 -17.68
CA SER A 195 12.74 6.62 -17.02
C SER A 195 11.93 5.97 -15.91
N SER A 196 10.60 6.08 -16.00
CA SER A 196 9.74 5.57 -14.94
C SER A 196 8.90 4.38 -15.38
N VAL A 197 8.76 3.40 -14.48
CA VAL A 197 7.85 2.29 -14.66
C VAL A 197 6.71 2.42 -13.64
N VAL A 198 5.47 2.28 -14.10
CA VAL A 198 4.32 2.44 -13.23
C VAL A 198 3.63 1.11 -12.95
N TYR A 199 3.60 0.72 -11.68
CA TYR A 199 2.83 -0.46 -11.28
C TYR A 199 1.58 -0.05 -10.52
N CYS A 200 0.43 -0.52 -10.98
CA CYS A 200 -0.84 -0.19 -10.36
C CYS A 200 -1.47 -1.40 -9.69
N ASP A 201 -1.73 -1.29 -8.39
CA ASP A 201 -2.48 -2.32 -7.68
C ASP A 201 -3.73 -1.71 -7.07
N PRO A 202 -4.73 -1.43 -7.93
CA PRO A 202 -5.96 -0.76 -7.47
C PRO A 202 -6.82 -1.68 -6.61
N PRO A 203 -7.78 -1.10 -5.87
CA PRO A 203 -8.75 -1.93 -5.16
C PRO A 203 -9.42 -2.90 -6.12
N TYR A 204 -9.64 -4.13 -5.67
CA TYR A 204 -10.19 -5.20 -6.51
C TYR A 204 -11.49 -4.81 -7.20
N ALA A 205 -11.60 -5.16 -8.47
CA ALA A 205 -12.85 -5.01 -9.21
C ALA A 205 -13.89 -5.95 -8.62
N PRO A 206 -15.15 -5.50 -8.59
CA PRO A 206 -16.21 -6.31 -7.99
C PRO A 206 -16.48 -7.60 -8.76
N LEU A 207 -16.87 -8.65 -8.05
CA LEU A 207 -17.24 -9.92 -8.67
C LEU A 207 -18.72 -9.92 -9.01
N SER A 208 -19.39 -8.82 -8.68
CA SER A 208 -20.81 -8.64 -8.94
C SER A 208 -21.66 -9.76 -8.35
N ASN A 219 -17.77 5.56 -0.37
CA ASN A 219 -16.40 6.02 -0.55
C ASN A 219 -15.53 4.95 -1.19
N SER A 220 -16.16 3.96 -1.79
CA SER A 220 -15.44 2.86 -2.42
C SER A 220 -14.85 3.26 -3.76
N PHE A 221 -14.00 2.38 -4.30
CA PHE A 221 -13.36 2.61 -5.59
C PHE A 221 -14.33 2.27 -6.72
N THR A 222 -14.99 3.29 -7.24
CA THR A 222 -16.07 3.12 -8.20
C THR A 222 -15.63 2.47 -9.51
N LEU A 223 -16.60 2.03 -10.31
CA LEU A 223 -16.32 1.42 -11.60
C LEU A 223 -15.72 2.44 -12.57
N GLU A 224 -16.16 3.69 -12.44
CA GLU A 224 -15.68 4.77 -13.29
C GLU A 224 -14.19 5.02 -13.06
N GLN A 225 -13.76 4.93 -11.81
CA GLN A 225 -12.35 5.10 -11.48
C GLN A 225 -11.52 3.94 -12.03
N GLN A 226 -12.09 2.73 -11.98
CA GLN A 226 -11.43 1.55 -12.52
C GLN A 226 -11.15 1.73 -14.01
N ALA A 227 -12.15 2.25 -14.73
CA ALA A 227 -12.04 2.48 -16.16
C ALA A 227 -11.11 3.65 -16.46
N HIS A 228 -11.18 4.68 -15.63
CA HIS A 228 -10.34 5.86 -15.78
C HIS A 228 -8.87 5.50 -15.60
N LEU A 229 -8.59 4.58 -14.69
CA LEU A 229 -7.23 4.14 -14.44
C LEU A 229 -6.62 3.51 -15.68
N ALA A 230 -7.39 2.67 -16.36
CA ALA A 230 -6.95 2.05 -17.60
C ALA A 230 -6.73 3.10 -18.69
N GLU A 231 -7.59 4.11 -18.72
CA GLU A 231 -7.48 5.21 -19.68
C GLU A 231 -6.18 6.00 -19.48
N ILE A 232 -5.82 6.25 -18.23
CA ILE A 232 -4.58 6.96 -17.92
C ILE A 232 -3.38 6.10 -18.30
N ALA A 233 -3.52 4.79 -18.14
CA ALA A 233 -2.47 3.85 -18.50
C ALA A 233 -2.18 3.90 -20.00
N GLU A 234 -3.24 3.96 -20.80
CA GLU A 234 -3.09 4.02 -22.25
C GLU A 234 -2.43 5.34 -22.67
N GLY A 235 -2.61 6.37 -21.86
CA GLY A 235 -2.00 7.66 -22.12
C GLY A 235 -0.51 7.65 -21.84
N LEU A 236 -0.11 6.94 -20.79
CA LEU A 236 1.30 6.84 -20.42
C LEU A 236 2.09 6.00 -21.42
N VAL A 237 1.48 4.93 -21.89
CA VAL A 237 2.16 4.03 -22.83
C VAL A 237 2.27 4.70 -24.20
N GLU A 238 1.40 5.67 -24.46
CA GLU A 238 1.46 6.46 -25.67
C GLU A 238 2.62 7.46 -25.59
N ARG A 239 3.06 7.71 -24.36
CA ARG A 239 4.21 8.59 -24.14
C ARG A 239 5.45 7.78 -23.79
N HIS A 240 5.45 6.50 -24.20
CA HIS A 240 6.56 5.58 -23.95
C HIS A 240 6.86 5.41 -22.47
N ILE A 241 5.81 5.26 -21.67
CA ILE A 241 5.97 4.97 -20.25
C ILE A 241 5.29 3.64 -19.92
N PRO A 242 6.09 2.64 -19.50
CA PRO A 242 5.59 1.30 -19.18
C PRO A 242 4.68 1.28 -17.96
N VAL A 243 3.54 0.60 -18.08
CA VAL A 243 2.57 0.53 -17.00
C VAL A 243 2.05 -0.91 -16.82
N LEU A 244 2.21 -1.44 -15.62
CA LEU A 244 1.69 -2.75 -15.27
C LEU A 244 0.56 -2.64 -14.25
N ILE A 245 -0.56 -3.30 -14.53
CA ILE A 245 -1.73 -3.25 -13.65
C ILE A 245 -2.15 -4.66 -13.23
N SER A 246 -2.42 -4.84 -11.94
CA SER A 246 -2.90 -6.12 -11.42
C SER A 246 -4.33 -6.00 -10.93
N ASN A 247 -5.13 -7.03 -11.17
CA ASN A 247 -6.52 -7.06 -10.75
C ASN A 247 -7.12 -8.46 -10.88
N HIS A 248 -8.37 -8.63 -10.45
CA HIS A 248 -9.08 -9.89 -10.65
C HIS A 248 -9.26 -10.17 -12.15
N ASP A 249 -9.51 -11.44 -12.48
CA ASP A 249 -9.78 -11.81 -13.87
C ASP A 249 -11.28 -11.96 -14.09
N THR A 250 -11.94 -10.85 -14.36
CA THR A 250 -13.38 -10.84 -14.62
C THR A 250 -13.66 -10.29 -16.02
N MET A 251 -14.94 -10.19 -16.37
CA MET A 251 -15.34 -9.67 -17.66
C MET A 251 -15.01 -8.18 -17.79
N LEU A 252 -15.24 -7.44 -16.71
CA LEU A 252 -15.00 -6.00 -16.69
C LEU A 252 -13.52 -5.67 -16.86
N THR A 253 -12.65 -6.38 -16.14
CA THR A 253 -11.22 -6.13 -16.22
C THR A 253 -10.68 -6.44 -17.60
N ARG A 254 -11.28 -7.41 -18.27
CA ARG A 254 -10.93 -7.74 -19.64
C ARG A 254 -11.26 -6.57 -20.57
N GLU A 255 -12.42 -5.97 -20.35
CA GLU A 255 -12.88 -4.84 -21.16
C GLU A 255 -12.11 -3.57 -20.84
N TRP A 256 -11.72 -3.40 -19.58
CA TRP A 256 -10.98 -2.22 -19.16
C TRP A 256 -9.55 -2.23 -19.70
N TYR A 257 -8.89 -3.38 -19.58
CA TYR A 257 -7.49 -3.51 -19.96
C TYR A 257 -7.34 -4.18 -21.32
N GLN A 258 -8.29 -3.92 -22.21
CA GLN A 258 -8.31 -4.55 -23.53
C GLN A 258 -7.12 -4.14 -24.40
N ARG A 259 -6.56 -2.97 -24.12
CA ARG A 259 -5.46 -2.45 -24.92
C ARG A 259 -4.10 -2.86 -24.36
N ALA A 260 -4.09 -3.91 -23.54
CA ALA A 260 -2.85 -4.37 -22.91
C ALA A 260 -2.64 -5.87 -23.10
N LYS A 261 -1.39 -6.31 -23.03
CA LYS A 261 -1.07 -7.72 -23.07
C LYS A 261 -1.45 -8.39 -21.76
N LEU A 262 -2.56 -9.13 -21.78
CA LEU A 262 -3.10 -9.75 -20.57
C LEU A 262 -2.42 -11.06 -20.21
N HIS A 263 -2.15 -11.24 -18.92
CA HIS A 263 -1.57 -12.48 -18.41
C HIS A 263 -2.39 -13.00 -17.24
N VAL A 264 -2.78 -14.26 -17.29
CA VAL A 264 -3.59 -14.86 -16.24
C VAL A 264 -2.73 -15.65 -15.25
N VAL A 265 -2.91 -15.37 -13.96
CA VAL A 265 -2.16 -16.04 -12.91
C VAL A 265 -3.11 -16.93 -12.09
N LYS A 266 -2.57 -18.06 -11.60
CA LYS A 266 -3.34 -19.05 -10.86
C LYS A 266 -4.50 -19.60 -11.69
N LYS A 280 -14.01 -20.07 -7.80
CA LYS A 280 -12.89 -19.20 -7.45
C LYS A 280 -12.55 -18.26 -8.61
N VAL A 281 -11.76 -17.24 -8.31
CA VAL A 281 -11.40 -16.22 -9.30
C VAL A 281 -9.89 -16.13 -9.52
N ASP A 282 -9.48 -16.14 -10.78
CA ASP A 282 -8.06 -16.04 -11.11
C ASP A 282 -7.57 -14.60 -11.04
N GLU A 283 -6.27 -14.40 -11.20
CA GLU A 283 -5.70 -13.06 -11.13
C GLU A 283 -5.21 -12.62 -12.50
N LEU A 284 -5.33 -11.33 -12.78
CA LEU A 284 -5.00 -10.79 -14.09
C LEU A 284 -3.89 -9.74 -14.03
N LEU A 285 -2.96 -9.80 -14.98
CA LEU A 285 -1.90 -8.81 -15.11
C LEU A 285 -1.99 -8.11 -16.46
N ALA A 286 -2.19 -6.80 -16.44
CA ALA A 286 -2.31 -6.02 -17.68
C ALA A 286 -1.03 -5.23 -17.93
N LEU A 287 -0.29 -5.63 -18.97
CA LEU A 287 0.96 -4.96 -19.30
C LEU A 287 0.83 -4.01 -20.48
N TYR A 288 1.17 -2.75 -20.26
CA TYR A 288 1.16 -1.74 -21.31
C TYR A 288 2.59 -1.45 -21.75
N LYS A 289 3.07 -2.21 -22.72
CA LYS A 289 4.44 -2.04 -23.22
C LYS A 289 4.51 -1.08 -24.39
N PRO A 290 5.36 -0.05 -24.28
CA PRO A 290 5.55 0.95 -25.34
C PRO A 290 6.19 0.35 -26.59
#